data_7WAI
#
_entry.id   7WAI
#
_cell.length_a   157.460
_cell.length_b   47.363
_cell.length_c   94.449
_cell.angle_alpha   90.000
_cell.angle_beta   109.100
_cell.angle_gamma   90.000
#
_symmetry.space_group_name_H-M   'C 1 2 1'
#
loop_
_entity.id
_entity.type
_entity.pdbx_description
1 polymer 'Glutamyl-tRNA synthetase'
2 non-polymer 'CHLORIDE ION'
3 water water
#
_entity_poly.entity_id   1
_entity_poly.type   'polypeptide(L)'
_entity_poly.pdbx_seq_one_letter_code
;GAMANAVIGNVVTRFPPEPSGYLHVGHAKAAFLNNYYAQMYEGKMLLRFDDTNPVLEDIKYEKSIIEDLENLGLKYEKIS
YSSDHFDLLEKYCIDMIKMNKAYADDTGVEDMRNQRGEGIESINRNNSIEKNLELFNEMRKGTEIGQKNCIRAKINMQSK
NKCMRDPVMYRCIVDVPHHKHQFKYKCYPTYDFACPIIDSIEGVTHALRTNEYSDRIEQYNWFISTLNLRKVYIYEFSRL
AFVKTVMSKRKLKWFVENNVVDSWVDPRFPTIKGILRRGLTKEALFQFILEQGPSKAGNLMQWDKLWSINKQIIDPIIPR
YAAVDKNSSILLILTDLTDQVIQKERDLHMKNKSLGTCNMYYNNKYLIELEDAQTLLENEEITLIKLGNIIIKNIEKENG
KIKQINALSNFHGDFKTTKKKIHWLPYLPQQLITCTLYEYDHLITVDKFENDNKDDWTNFINFNSKHETLVYAEPSISSL
KVSDKFQFERRGYFILDKIDPHHHLHLIKIPDGKSKNMSIITT
;
_entity_poly.pdbx_strand_id   A
#
loop_
_chem_comp.id
_chem_comp.type
_chem_comp.name
_chem_comp.formula
CL non-polymer 'CHLORIDE ION' 'Cl -1'
#
# COMPACT_ATOMS: atom_id res chain seq x y z
N ALA A 2 9.10 -19.76 5.39
CA ALA A 2 9.23 -20.99 6.17
C ALA A 2 10.41 -20.82 7.10
N MET A 3 10.35 -21.52 8.22
CA MET A 3 11.34 -21.31 9.25
C MET A 3 12.08 -22.61 9.51
N ALA A 4 12.72 -23.13 8.47
CA ALA A 4 13.48 -24.37 8.56
C ALA A 4 14.51 -24.28 9.69
N ASN A 5 14.39 -25.17 10.67
CA ASN A 5 15.32 -25.29 11.79
C ASN A 5 15.43 -23.99 12.59
N ALA A 6 14.35 -23.21 12.63
CA ALA A 6 14.35 -21.99 13.41
C ALA A 6 14.48 -22.31 14.90
N VAL A 7 15.25 -21.49 15.62
CA VAL A 7 15.46 -21.70 17.05
C VAL A 7 14.86 -20.51 17.80
N ILE A 8 13.92 -20.79 18.71
CA ILE A 8 13.30 -19.75 19.53
C ILE A 8 14.36 -18.83 20.11
N GLY A 9 14.13 -17.53 20.03
CA GLY A 9 15.08 -16.58 20.54
C GLY A 9 16.28 -16.33 19.67
N ASN A 10 16.40 -17.00 18.52
CA ASN A 10 17.62 -16.94 17.73
C ASN A 10 17.32 -16.86 16.24
N VAL A 11 16.18 -16.28 15.87
CA VAL A 11 15.83 -16.03 14.48
C VAL A 11 16.13 -14.57 14.15
N VAL A 12 16.75 -14.34 12.99
CA VAL A 12 17.00 -13.01 12.45
C VAL A 12 16.46 -12.97 11.03
N THR A 13 15.48 -12.11 10.77
CA THR A 13 14.97 -11.87 9.42
C THR A 13 15.36 -10.46 9.02
N ARG A 14 15.09 -10.09 7.79
CA ARG A 14 15.33 -8.78 7.32
C ARG A 14 14.45 -8.32 6.21
N PHE A 15 13.97 -7.12 6.32
CA PHE A 15 13.17 -6.48 5.26
C PHE A 15 14.10 -5.58 4.46
N PRO A 16 14.29 -5.79 3.14
CA PRO A 16 15.35 -5.06 2.42
C PRO A 16 14.80 -4.27 1.26
N PRO A 17 14.08 -3.17 1.50
CA PRO A 17 13.56 -2.38 0.39
C PRO A 17 14.64 -1.47 -0.21
N GLU A 18 14.55 -1.26 -1.52
CA GLU A 18 15.41 -0.27 -2.17
C GLU A 18 14.99 1.14 -1.74
N PRO A 19 15.96 2.05 -1.50
CA PRO A 19 15.58 3.37 -0.98
C PRO A 19 15.31 4.42 -2.05
N SER A 20 14.89 4.01 -3.24
CA SER A 20 14.68 4.94 -4.33
C SER A 20 13.21 5.11 -4.66
N GLY A 21 12.34 4.81 -3.71
CA GLY A 21 10.90 4.88 -3.95
C GLY A 21 10.13 4.73 -2.66
N TYR A 22 8.87 5.14 -2.73
CA TYR A 22 7.94 4.94 -1.62
C TYR A 22 7.57 3.47 -1.45
N LEU A 23 7.35 3.05 -0.20
CA LEU A 23 6.72 1.77 0.05
C LEU A 23 5.35 1.69 -0.62
N HIS A 24 5.06 0.54 -1.24
CA HIS A 24 3.77 0.25 -1.84
C HIS A 24 3.29 -1.11 -1.33
N VAL A 25 2.06 -1.50 -1.72
CA VAL A 25 1.40 -2.67 -1.16
C VAL A 25 2.19 -3.95 -1.43
N GLY A 26 2.95 -3.99 -2.52
CA GLY A 26 3.85 -5.10 -2.74
C GLY A 26 4.82 -5.29 -1.57
N HIS A 27 5.49 -4.21 -1.18
CA HIS A 27 6.39 -4.22 -0.02
C HIS A 27 5.72 -4.74 1.23
N ALA A 28 4.39 -4.65 1.30
CA ALA A 28 3.71 -4.86 2.57
C ALA A 28 3.76 -6.33 2.97
N LYS A 29 3.49 -7.22 2.03
CA LYS A 29 3.61 -8.65 2.33
C LYS A 29 5.02 -8.99 2.81
N ALA A 30 6.06 -8.44 2.17
CA ALA A 30 7.41 -8.73 2.59
C ALA A 30 7.67 -8.23 4.01
N ALA A 31 7.28 -6.99 4.29
CA ALA A 31 7.55 -6.42 5.60
C ALA A 31 6.78 -7.18 6.67
N PHE A 32 5.53 -7.53 6.36
CA PHE A 32 4.71 -8.24 7.31
C PHE A 32 5.24 -9.65 7.57
N LEU A 33 5.56 -10.40 6.52
CA LEU A 33 6.00 -11.78 6.76
C LEU A 33 7.33 -11.79 7.51
N ASN A 34 8.26 -10.89 7.18
CA ASN A 34 9.50 -10.82 7.95
C ASN A 34 9.25 -10.54 9.43
N ASN A 35 8.32 -9.63 9.72
CA ASN A 35 7.97 -9.38 11.13
C ASN A 35 7.21 -10.55 11.76
N TYR A 36 6.27 -11.15 11.03
CA TYR A 36 5.49 -12.26 11.56
C TYR A 36 6.37 -13.43 11.94
N TYR A 37 7.38 -13.73 11.11
CA TYR A 37 8.22 -14.86 11.45
C TYR A 37 9.22 -14.50 12.55
N ALA A 38 9.74 -13.27 12.58
CA ALA A 38 10.61 -12.90 13.69
C ALA A 38 9.86 -13.01 15.01
N GLN A 39 8.64 -12.47 15.06
CA GLN A 39 7.87 -12.52 16.30
C GLN A 39 7.47 -13.94 16.67
N MET A 40 7.05 -14.75 15.68
CA MET A 40 6.77 -16.17 15.93
C MET A 40 7.90 -16.82 16.72
N TYR A 41 9.15 -16.54 16.38
CA TYR A 41 10.27 -17.21 17.00
C TYR A 41 11.01 -16.34 18.02
N GLU A 42 10.38 -15.27 18.51
CA GLU A 42 10.99 -14.39 19.52
C GLU A 42 12.36 -13.88 19.07
N GLY A 43 12.46 -13.52 17.79
CA GLY A 43 13.72 -13.10 17.22
C GLY A 43 13.74 -11.62 16.89
N LYS A 44 14.47 -11.24 15.83
CA LYS A 44 14.54 -9.83 15.49
C LYS A 44 14.53 -9.69 13.99
N MET A 45 14.13 -8.50 13.53
CA MET A 45 14.01 -8.18 12.12
C MET A 45 14.93 -7.01 11.86
N LEU A 46 15.79 -7.15 10.85
CA LEU A 46 16.62 -6.03 10.44
C LEU A 46 15.90 -5.25 9.33
N LEU A 47 16.16 -3.95 9.29
CA LEU A 47 15.84 -3.11 8.14
C LEU A 47 17.11 -2.86 7.36
N ARG A 48 17.10 -3.17 6.08
CA ARG A 48 18.23 -2.95 5.24
C ARG A 48 17.87 -2.24 3.99
N PHE A 49 18.45 -1.10 3.72
CA PHE A 49 18.15 -0.38 2.50
C PHE A 49 19.00 -0.98 1.40
N ASP A 50 18.36 -1.60 0.43
CA ASP A 50 19.08 -2.30 -0.64
C ASP A 50 19.54 -1.32 -1.71
N ASP A 51 20.76 -0.81 -1.54
CA ASP A 51 21.28 0.19 -2.46
C ASP A 51 22.57 -0.27 -3.14
N THR A 52 22.54 -1.49 -3.67
CA THR A 52 23.74 -2.11 -4.20
C THR A 52 24.21 -1.45 -5.48
N ASN A 53 23.32 -0.77 -6.21
CA ASN A 53 23.75 -0.17 -7.47
C ASN A 53 23.27 1.27 -7.54
N PRO A 54 24.07 2.15 -8.16
CA PRO A 54 23.70 3.57 -8.20
C PRO A 54 22.38 3.80 -8.92
N VAL A 55 21.61 4.77 -8.41
CA VAL A 55 20.39 5.23 -9.08
C VAL A 55 20.34 6.75 -9.01
N LEU A 56 19.60 7.34 -9.93
CA LEU A 56 19.26 8.77 -9.88
C LEU A 56 17.94 8.91 -9.12
N GLU A 57 18.01 9.43 -7.90
CA GLU A 57 16.85 9.49 -7.01
C GLU A 57 16.46 10.94 -6.79
N ASP A 58 15.24 11.29 -7.19
CA ASP A 58 14.65 12.59 -6.95
C ASP A 58 14.27 12.81 -5.48
N ILE A 59 14.76 11.97 -4.56
CA ILE A 59 14.51 12.13 -3.14
C ILE A 59 15.36 11.13 -2.35
N LYS A 60 15.44 11.35 -1.05
CA LYS A 60 15.90 10.34 -0.10
C LYS A 60 14.64 9.79 0.54
N TYR A 61 14.24 8.60 0.10
CA TYR A 61 13.02 7.97 0.57
C TYR A 61 13.16 7.27 1.90
N GLU A 62 14.37 7.25 2.48
CA GLU A 62 14.57 6.52 3.74
C GLU A 62 13.55 6.93 4.79
N LYS A 63 13.38 8.25 4.99
CA LYS A 63 12.49 8.76 6.03
C LYS A 63 11.05 8.30 5.83
N SER A 64 10.56 8.37 4.58
CA SER A 64 9.20 7.94 4.34
C SER A 64 9.03 6.44 4.57
N ILE A 65 10.01 5.64 4.13
CA ILE A 65 9.95 4.20 4.38
C ILE A 65 9.87 3.91 5.88
N ILE A 66 10.71 4.61 6.65
CA ILE A 66 10.73 4.45 8.11
C ILE A 66 9.35 4.73 8.68
N GLU A 67 8.75 5.87 8.28
CA GLU A 67 7.49 6.24 8.91
C GLU A 67 6.35 5.33 8.47
N ASP A 68 6.36 4.85 7.21
CA ASP A 68 5.37 3.84 6.80
C ASP A 68 5.50 2.56 7.62
N LEU A 69 6.73 2.09 7.84
CA LEU A 69 6.92 0.92 8.68
C LEU A 69 6.32 1.15 10.06
N GLU A 70 6.61 2.31 10.65
CA GLU A 70 6.04 2.62 11.95
C GLU A 70 4.51 2.58 11.93
N ASN A 71 3.91 3.19 10.91
CA ASN A 71 2.44 3.19 10.75
C ASN A 71 1.87 1.79 10.53
N LEU A 72 2.68 0.82 10.08
CA LEU A 72 2.19 -0.55 10.06
C LEU A 72 2.47 -1.30 11.36
N GLY A 73 3.07 -0.65 12.35
CA GLY A 73 3.37 -1.33 13.59
C GLY A 73 4.56 -2.26 13.54
N LEU A 74 5.40 -2.17 12.52
CA LEU A 74 6.47 -3.12 12.28
C LEU A 74 7.78 -2.50 12.75
N LYS A 75 8.39 -3.08 13.79
CA LYS A 75 9.64 -2.49 14.25
C LYS A 75 10.80 -3.43 13.98
N TYR A 76 11.97 -2.82 13.83
CA TYR A 76 13.18 -3.47 13.35
C TYR A 76 14.27 -3.15 14.36
N GLU A 77 15.19 -4.08 14.54
CA GLU A 77 16.21 -3.89 15.56
C GLU A 77 17.26 -2.88 15.11
N LYS A 78 17.76 -3.03 13.89
CA LYS A 78 18.78 -2.13 13.40
C LYS A 78 18.59 -1.89 11.92
N ILE A 79 19.19 -0.81 11.45
CA ILE A 79 19.09 -0.32 10.08
C ILE A 79 20.48 -0.35 9.48
N SER A 80 20.60 -0.88 8.27
CA SER A 80 21.86 -0.90 7.53
C SER A 80 21.59 -0.61 6.06
N TYR A 81 22.64 -0.39 5.32
CA TYR A 81 22.61 -0.25 3.87
C TYR A 81 23.46 -1.34 3.24
N SER A 82 23.01 -1.89 2.12
CA SER A 82 23.86 -2.85 1.42
C SER A 82 25.23 -2.26 1.14
N SER A 83 25.25 -0.98 0.76
CA SER A 83 26.48 -0.25 0.41
C SER A 83 27.40 -0.07 1.61
N ASP A 84 26.93 -0.35 2.84
CA ASP A 84 27.83 -0.44 3.97
C ASP A 84 28.91 -1.53 3.79
N HIS A 85 28.70 -2.51 2.90
CA HIS A 85 29.57 -3.69 2.82
C HIS A 85 30.39 -3.77 1.54
N PHE A 86 30.48 -2.67 0.78
CA PHE A 86 31.16 -2.69 -0.52
C PHE A 86 32.59 -3.18 -0.39
N ASP A 87 33.33 -2.66 0.60
CA ASP A 87 34.74 -3.05 0.75
C ASP A 87 34.84 -4.54 1.03
N LEU A 88 34.01 -5.03 1.93
CA LEU A 88 34.00 -6.45 2.22
C LEU A 88 33.67 -7.23 0.96
N LEU A 89 32.69 -6.76 0.19
CA LEU A 89 32.31 -7.51 -1.01
C LEU A 89 33.46 -7.53 -2.02
N GLU A 90 34.23 -6.42 -2.12
CA GLU A 90 35.39 -6.45 -3.02
C GLU A 90 36.40 -7.47 -2.53
N LYS A 91 36.65 -7.48 -1.22
CA LYS A 91 37.48 -8.52 -0.62
C LYS A 91 37.00 -9.89 -1.11
N TYR A 92 35.69 -10.14 -0.99
CA TYR A 92 35.24 -11.49 -1.31
C TYR A 92 35.34 -11.75 -2.81
N CYS A 93 35.19 -10.71 -3.63
CA CYS A 93 35.33 -10.93 -5.05
C CYS A 93 36.76 -11.37 -5.37
N ILE A 94 37.74 -10.72 -4.74
CA ILE A 94 39.11 -11.14 -4.93
C ILE A 94 39.30 -12.57 -4.41
N ASP A 95 38.66 -12.90 -3.29
CA ASP A 95 38.77 -14.29 -2.81
C ASP A 95 38.26 -15.23 -3.89
N MET A 96 37.09 -14.91 -4.45
CA MET A 96 36.53 -15.75 -5.51
C MET A 96 37.56 -15.92 -6.63
N ILE A 97 38.23 -14.82 -6.99
CA ILE A 97 39.12 -14.88 -8.14
C ILE A 97 40.31 -15.77 -7.82
N LYS A 98 40.79 -15.74 -6.58
CA LYS A 98 41.97 -16.50 -6.22
C LYS A 98 41.69 -18.00 -6.09
N MET A 99 40.44 -18.38 -5.83
CA MET A 99 40.03 -19.78 -5.79
C MET A 99 39.61 -20.28 -7.15
N ASN A 100 39.86 -19.51 -8.20
CA ASN A 100 39.36 -19.78 -9.55
C ASN A 100 37.86 -20.07 -9.55
N LYS A 101 37.11 -19.30 -8.78
CA LYS A 101 35.65 -19.35 -8.81
C LYS A 101 35.03 -18.08 -9.38
N ALA A 102 35.85 -17.19 -9.93
CA ALA A 102 35.34 -16.05 -10.66
C ALA A 102 36.37 -15.61 -11.69
N TYR A 103 35.88 -14.98 -12.76
CA TYR A 103 36.77 -14.51 -13.80
C TYR A 103 36.24 -13.20 -14.35
N ALA A 104 37.13 -12.43 -14.96
CA ALA A 104 36.75 -11.21 -15.67
C ALA A 104 36.42 -11.53 -17.12
N ASP A 105 35.34 -10.94 -17.61
CA ASP A 105 34.87 -11.16 -18.97
C ASP A 105 34.60 -9.81 -19.63
N ASP A 106 35.16 -9.62 -20.83
CA ASP A 106 34.93 -8.41 -21.63
C ASP A 106 33.86 -8.61 -22.68
N THR A 107 33.27 -9.80 -22.78
CA THR A 107 32.30 -10.12 -23.83
C THR A 107 31.12 -9.14 -23.78
N GLY A 108 30.60 -8.80 -24.95
CA GLY A 108 29.51 -7.84 -25.06
C GLY A 108 28.22 -8.35 -24.45
N VAL A 109 27.24 -7.45 -24.34
CA VAL A 109 25.97 -7.83 -23.72
C VAL A 109 25.29 -8.93 -24.53
N GLU A 110 25.08 -8.69 -25.83
CA GLU A 110 24.37 -9.65 -26.67
C GLU A 110 25.09 -10.99 -26.68
N ASP A 111 26.34 -11.01 -27.14
CA ASP A 111 27.12 -12.25 -27.20
C ASP A 111 27.05 -13.02 -25.89
N MET A 112 27.08 -12.31 -24.75
CA MET A 112 27.04 -12.98 -23.45
C MET A 112 25.68 -13.62 -23.22
N ARG A 113 24.60 -12.89 -23.52
CA ARG A 113 23.27 -13.46 -23.35
C ARG A 113 23.11 -14.71 -24.20
N ASN A 114 23.57 -14.65 -25.45
CA ASN A 114 23.40 -15.76 -26.38
C ASN A 114 24.23 -16.97 -25.97
N GLN A 115 25.50 -16.73 -25.62
CA GLN A 115 26.37 -17.76 -25.08
C GLN A 115 25.68 -18.47 -23.91
N ARG A 116 25.16 -17.69 -22.95
CA ARG A 116 24.48 -18.29 -21.80
C ARG A 116 23.28 -19.11 -22.21
N GLY A 117 22.51 -18.62 -23.19
CA GLY A 117 21.39 -19.39 -23.70
C GLY A 117 21.79 -20.76 -24.21
N GLU A 118 22.85 -20.82 -25.03
CA GLU A 118 23.26 -22.12 -25.55
C GLU A 118 24.35 -22.79 -24.72
N GLY A 119 24.76 -22.19 -23.60
CA GLY A 119 25.67 -22.87 -22.70
C GLY A 119 27.10 -22.98 -23.15
N ILE A 120 27.55 -22.10 -24.07
CA ILE A 120 28.94 -22.09 -24.47
C ILE A 120 29.74 -21.19 -23.53
N GLU A 121 30.92 -21.68 -23.15
CA GLU A 121 31.78 -20.99 -22.21
C GLU A 121 32.53 -19.84 -22.86
N SER A 122 32.56 -18.71 -22.16
CA SER A 122 33.25 -17.54 -22.67
C SER A 122 34.75 -17.80 -22.83
N ILE A 123 35.35 -17.11 -23.82
CA ILE A 123 36.79 -17.25 -24.07
C ILE A 123 37.58 -16.99 -22.79
N ASN A 124 37.10 -16.05 -21.96
CA ASN A 124 37.82 -15.67 -20.77
C ASN A 124 37.57 -16.61 -19.60
N ARG A 125 36.76 -17.66 -19.77
CA ARG A 125 36.47 -18.53 -18.64
C ARG A 125 37.72 -19.17 -18.07
N ASN A 126 38.77 -19.35 -18.89
CA ASN A 126 40.03 -19.95 -18.47
C ASN A 126 41.14 -18.92 -18.29
N ASN A 127 40.80 -17.63 -18.16
CA ASN A 127 41.78 -16.62 -17.83
C ASN A 127 42.59 -17.03 -16.61
N SER A 128 43.81 -16.51 -16.47
CA SER A 128 44.59 -16.82 -15.29
C SER A 128 44.16 -15.97 -14.11
N ILE A 129 44.39 -16.52 -12.92
CA ILE A 129 44.08 -15.83 -11.66
C ILE A 129 44.69 -14.43 -11.64
N GLU A 130 45.96 -14.32 -12.01
CA GLU A 130 46.65 -13.03 -11.97
C GLU A 130 46.07 -12.08 -13.01
N LYS A 131 45.60 -12.61 -14.14
CA LYS A 131 44.96 -11.78 -15.15
C LYS A 131 43.58 -11.32 -14.69
N ASN A 132 42.78 -12.26 -14.17
CA ASN A 132 41.50 -11.89 -13.58
C ASN A 132 41.68 -10.78 -12.55
N LEU A 133 42.73 -10.88 -11.73
CA LEU A 133 42.97 -9.85 -10.72
C LEU A 133 43.36 -8.52 -11.35
N GLU A 134 44.25 -8.55 -12.35
CA GLU A 134 44.58 -7.32 -13.04
C GLU A 134 43.33 -6.64 -13.61
N LEU A 135 42.43 -7.43 -14.19
CA LEU A 135 41.26 -6.84 -14.82
C LEU A 135 40.28 -6.33 -13.77
N PHE A 136 40.12 -7.06 -12.66
CA PHE A 136 39.27 -6.56 -11.60
C PHE A 136 39.79 -5.22 -11.08
N ASN A 137 41.11 -5.09 -10.96
CA ASN A 137 41.64 -3.78 -10.55
C ASN A 137 41.41 -2.73 -11.63
N GLU A 138 41.40 -3.13 -12.90
CA GLU A 138 40.99 -2.18 -13.95
C GLU A 138 39.58 -1.67 -13.68
N MET A 139 38.67 -2.58 -13.38
CA MET A 139 37.31 -2.17 -13.05
C MET A 139 37.27 -1.28 -11.80
N ARG A 140 38.07 -1.64 -10.79
CA ARG A 140 38.04 -0.90 -9.54
C ARG A 140 38.44 0.55 -9.75
N LYS A 141 39.42 0.79 -10.63
CA LYS A 141 39.85 2.16 -10.89
C LYS A 141 39.03 2.85 -11.98
N GLY A 142 38.15 2.13 -12.67
CA GLY A 142 37.24 2.75 -13.62
C GLY A 142 37.88 3.25 -14.89
N THR A 143 38.82 2.48 -15.45
CA THR A 143 39.50 2.81 -16.69
C THR A 143 38.70 2.30 -17.90
N GLU A 144 39.09 2.80 -19.07
CA GLU A 144 38.51 2.34 -20.34
C GLU A 144 38.41 0.81 -20.39
N ILE A 145 39.47 0.12 -20.00
CA ILE A 145 39.46 -1.34 -19.99
C ILE A 145 38.52 -1.86 -18.92
N GLY A 146 38.48 -1.18 -17.77
CA GLY A 146 37.59 -1.63 -16.70
C GLY A 146 36.13 -1.55 -17.09
N GLN A 147 35.72 -0.46 -17.74
CA GLN A 147 34.32 -0.30 -18.10
C GLN A 147 33.86 -1.29 -19.15
N LYS A 148 34.79 -1.93 -19.85
CA LYS A 148 34.48 -2.99 -20.80
C LYS A 148 34.47 -4.38 -20.15
N ASN A 149 34.75 -4.50 -18.86
CA ASN A 149 34.78 -5.78 -18.17
C ASN A 149 33.72 -5.85 -17.09
N CYS A 150 33.26 -7.08 -16.82
CA CYS A 150 32.52 -7.43 -15.62
C CYS A 150 33.20 -8.63 -15.01
N ILE A 151 32.88 -8.92 -13.75
CA ILE A 151 33.31 -10.15 -13.10
C ILE A 151 32.12 -11.09 -13.03
N ARG A 152 32.35 -12.33 -13.38
CA ARG A 152 31.35 -13.34 -13.38
C ARG A 152 31.72 -14.46 -12.50
N ALA A 153 30.77 -15.22 -12.03
CA ALA A 153 31.08 -16.34 -11.23
C ALA A 153 31.38 -17.48 -12.11
N LYS A 154 32.25 -18.36 -11.68
CA LYS A 154 32.60 -19.48 -12.46
C LYS A 154 31.90 -20.64 -11.90
N ILE A 155 30.72 -20.92 -12.41
CA ILE A 155 29.93 -22.01 -11.91
C ILE A 155 29.79 -23.23 -12.81
N ASN A 156 28.74 -23.31 -13.59
CA ASN A 156 28.54 -24.42 -14.48
C ASN A 156 27.76 -23.99 -15.66
N MET A 157 28.39 -23.83 -16.80
CA MET A 157 27.69 -23.38 -17.97
C MET A 157 26.71 -24.35 -18.58
N GLN A 158 26.70 -25.59 -18.18
CA GLN A 158 25.76 -26.51 -18.76
C GLN A 158 24.74 -26.88 -17.78
N SER A 159 24.60 -26.06 -16.76
CA SER A 159 23.59 -26.36 -15.76
C SER A 159 22.20 -26.17 -16.34
N LYS A 160 21.30 -26.95 -15.84
CA LYS A 160 19.94 -26.86 -16.21
C LYS A 160 19.39 -25.54 -15.75
N ASN A 161 19.97 -24.98 -14.69
CA ASN A 161 19.50 -23.73 -14.08
C ASN A 161 20.23 -22.56 -14.73
N LYS A 162 19.47 -21.65 -15.35
CA LYS A 162 20.11 -20.52 -16.05
C LYS A 162 20.89 -19.63 -15.08
N CYS A 163 20.45 -19.54 -13.82
CA CYS A 163 21.12 -18.71 -12.82
C CYS A 163 22.47 -19.27 -12.40
N MET A 164 22.74 -20.53 -12.71
CA MET A 164 24.01 -21.16 -12.41
C MET A 164 25.02 -21.09 -13.56
N ARG A 165 24.67 -20.45 -14.67
CA ARG A 165 25.56 -20.32 -15.81
C ARG A 165 26.28 -18.97 -15.69
N ASP A 166 27.27 -18.94 -14.79
CA ASP A 166 28.19 -17.81 -14.67
C ASP A 166 27.49 -16.46 -14.50
N PRO A 167 26.75 -16.26 -13.43
CA PRO A 167 26.07 -14.97 -13.21
C PRO A 167 27.08 -13.88 -12.91
N VAL A 168 26.74 -12.66 -13.35
CA VAL A 168 27.62 -11.52 -13.10
C VAL A 168 27.65 -11.20 -11.62
N MET A 169 28.84 -10.89 -11.11
CA MET A 169 29.06 -10.55 -9.71
C MET A 169 29.38 -9.10 -9.49
N TYR A 170 29.99 -8.44 -10.47
CA TYR A 170 30.52 -7.09 -10.29
C TYR A 170 30.48 -6.40 -11.64
N ARG A 171 30.00 -5.17 -11.64
CA ARG A 171 29.87 -4.35 -12.82
C ARG A 171 30.63 -3.07 -12.59
N CYS A 172 31.02 -2.42 -13.67
CA CYS A 172 31.82 -1.21 -13.58
C CYS A 172 30.93 -0.08 -14.08
N ILE A 173 30.57 0.83 -13.19
CA ILE A 173 29.63 1.92 -13.46
C ILE A 173 30.29 3.22 -13.01
N VAL A 174 30.59 4.10 -13.97
CA VAL A 174 31.30 5.34 -13.67
C VAL A 174 30.45 6.60 -13.88
N ASP A 175 29.31 6.48 -14.56
CA ASP A 175 28.58 7.67 -14.99
C ASP A 175 27.55 8.13 -13.97
N VAL A 176 26.83 7.20 -13.35
CA VAL A 176 25.80 7.54 -12.37
C VAL A 176 26.42 7.52 -10.99
N PRO A 177 26.26 8.57 -10.19
CA PRO A 177 26.81 8.55 -8.83
C PRO A 177 25.88 7.84 -7.85
N HIS A 178 26.48 7.24 -6.84
CA HIS A 178 25.75 6.51 -5.82
C HIS A 178 25.26 7.50 -4.76
N HIS A 179 24.03 7.30 -4.31
CA HIS A 179 23.40 8.29 -3.43
C HIS A 179 24.18 8.51 -2.13
N LYS A 180 25.02 7.55 -1.75
CA LYS A 180 25.80 7.62 -0.52
C LYS A 180 27.27 7.93 -0.74
N HIS A 181 27.89 7.31 -1.74
CA HIS A 181 29.34 7.39 -1.95
C HIS A 181 29.73 8.18 -3.20
N GLN A 182 28.75 8.79 -3.87
CA GLN A 182 28.99 9.55 -5.10
C GLN A 182 29.78 8.72 -6.12
N PHE A 183 30.97 9.18 -6.49
CA PHE A 183 31.82 8.46 -7.43
C PHE A 183 33.01 7.80 -6.75
N LYS A 184 32.94 7.60 -5.44
CA LYS A 184 34.03 6.94 -4.73
C LYS A 184 34.21 5.50 -5.22
N TYR A 185 33.11 4.83 -5.52
CA TYR A 185 33.19 3.47 -6.06
C TYR A 185 33.00 3.51 -7.57
N LYS A 186 33.86 2.76 -8.28
CA LYS A 186 33.78 2.61 -9.72
C LYS A 186 33.16 1.28 -10.13
N CYS A 187 33.21 0.28 -9.27
CA CYS A 187 32.55 -0.99 -9.52
C CYS A 187 31.57 -1.23 -8.39
N TYR A 188 30.59 -2.07 -8.68
CA TYR A 188 29.53 -2.34 -7.77
C TYR A 188 29.16 -3.81 -7.87
N PRO A 189 28.89 -4.46 -6.77
CA PRO A 189 28.46 -5.85 -6.83
C PRO A 189 27.03 -5.93 -7.32
N THR A 190 26.70 -7.02 -7.98
CA THR A 190 25.31 -7.21 -8.37
C THR A 190 24.47 -7.69 -7.19
N TYR A 191 23.16 -7.57 -7.35
CA TYR A 191 22.24 -8.05 -6.32
C TYR A 191 22.48 -9.51 -5.99
N ASP A 192 22.63 -10.37 -7.02
CA ASP A 192 22.81 -11.80 -6.77
C ASP A 192 24.06 -12.10 -5.93
N PHE A 193 25.15 -11.39 -6.16
CA PHE A 193 26.35 -11.58 -5.35
C PHE A 193 26.20 -10.96 -3.97
N ALA A 194 25.75 -9.71 -3.89
CA ALA A 194 25.70 -9.00 -2.61
C ALA A 194 24.78 -9.68 -1.62
N CYS A 195 23.63 -10.17 -2.10
CA CYS A 195 22.55 -10.61 -1.21
C CYS A 195 22.95 -11.74 -0.26
N PRO A 196 23.45 -12.88 -0.72
CA PRO A 196 23.85 -13.95 0.21
C PRO A 196 24.96 -13.55 1.17
N ILE A 197 25.97 -12.85 0.69
CA ILE A 197 27.09 -12.43 1.55
C ILE A 197 26.61 -11.48 2.64
N ILE A 198 25.88 -10.44 2.25
CA ILE A 198 25.39 -9.50 3.27
C ILE A 198 24.49 -10.21 4.27
N ASP A 199 23.60 -11.09 3.79
CA ASP A 199 22.78 -11.86 4.73
C ASP A 199 23.65 -12.65 5.69
N SER A 200 24.66 -13.37 5.18
CA SER A 200 25.48 -14.14 6.10
C SER A 200 26.19 -13.24 7.09
N ILE A 201 26.80 -12.15 6.61
CA ILE A 201 27.64 -11.40 7.54
C ILE A 201 26.84 -10.49 8.48
N GLU A 202 25.59 -10.13 8.16
CA GLU A 202 24.72 -9.40 9.07
C GLU A 202 24.04 -10.31 10.08
N GLY A 203 24.21 -11.62 10.00
CA GLY A 203 23.63 -12.46 11.02
C GLY A 203 22.22 -12.92 10.75
N VAL A 204 21.72 -12.71 9.52
CA VAL A 204 20.43 -13.24 9.11
C VAL A 204 20.44 -14.75 9.24
N THR A 205 19.38 -15.30 9.84
CA THR A 205 19.21 -16.74 9.78
C THR A 205 18.19 -17.16 8.73
N HIS A 206 17.14 -16.39 8.50
CA HIS A 206 16.10 -16.79 7.57
C HIS A 206 15.82 -15.62 6.64
N ALA A 207 16.26 -15.77 5.39
CA ALA A 207 16.05 -14.75 4.39
C ALA A 207 14.76 -15.08 3.67
N LEU A 208 13.90 -14.08 3.52
CA LEU A 208 12.62 -14.22 2.85
C LEU A 208 12.59 -13.34 1.60
N ARG A 209 11.93 -13.82 0.56
CA ARG A 209 12.06 -13.18 -0.74
C ARG A 209 10.85 -13.57 -1.57
N THR A 210 10.41 -12.67 -2.44
CA THR A 210 9.39 -13.04 -3.41
C THR A 210 9.95 -14.08 -4.39
N ASN A 211 9.10 -15.04 -4.75
CA ASN A 211 9.44 -15.92 -5.84
C ASN A 211 9.56 -15.14 -7.14
N GLU A 212 10.74 -15.16 -7.75
CA GLU A 212 10.89 -14.57 -9.07
C GLU A 212 10.88 -15.63 -10.17
N TYR A 213 10.52 -16.86 -9.83
CA TYR A 213 10.24 -17.97 -10.73
C TYR A 213 11.49 -18.43 -11.47
N SER A 214 12.64 -17.86 -11.15
CA SER A 214 13.94 -18.46 -11.40
C SER A 214 14.40 -19.15 -10.12
N ASP A 215 15.23 -20.17 -10.28
CA ASP A 215 15.81 -20.86 -9.12
C ASP A 215 17.06 -20.11 -8.70
N ARG A 216 16.85 -18.90 -8.15
CA ARG A 216 17.96 -18.15 -7.59
C ARG A 216 18.45 -18.77 -6.29
N ILE A 217 17.63 -19.62 -5.66
CA ILE A 217 17.98 -20.21 -4.37
C ILE A 217 19.24 -21.07 -4.48
N GLU A 218 19.34 -21.88 -5.54
CA GLU A 218 20.53 -22.71 -5.75
C GLU A 218 21.79 -21.86 -5.90
N GLN A 219 21.68 -20.74 -6.61
CA GLN A 219 22.81 -19.83 -6.80
C GLN A 219 23.21 -19.14 -5.49
N TYR A 220 22.23 -18.57 -4.77
CA TYR A 220 22.43 -18.01 -3.43
C TYR A 220 23.23 -18.97 -2.53
N ASN A 221 22.76 -20.23 -2.46
CA ASN A 221 23.45 -21.24 -1.66
C ASN A 221 24.86 -21.50 -2.18
N TRP A 222 25.02 -21.53 -3.51
CA TRP A 222 26.36 -21.78 -4.05
C TRP A 222 27.33 -20.71 -3.61
N PHE A 223 26.90 -19.44 -3.62
CA PHE A 223 27.80 -18.38 -3.17
C PHE A 223 28.17 -18.57 -1.70
N ILE A 224 27.19 -18.92 -0.86
CA ILE A 224 27.52 -19.09 0.56
C ILE A 224 28.46 -20.29 0.75
N SER A 225 28.18 -21.41 0.11
CA SER A 225 29.03 -22.59 0.29
C SER A 225 30.40 -22.40 -0.35
N THR A 226 30.45 -21.83 -1.56
CA THR A 226 31.73 -21.61 -2.22
C THR A 226 32.65 -20.78 -1.36
N LEU A 227 32.11 -19.78 -0.67
CA LEU A 227 32.92 -18.88 0.13
C LEU A 227 33.11 -19.32 1.57
N ASN A 228 32.51 -20.43 1.98
CA ASN A 228 32.61 -20.92 3.37
C ASN A 228 32.06 -19.95 4.40
N LEU A 229 30.90 -19.37 4.12
CA LEU A 229 30.31 -18.44 5.08
C LEU A 229 29.31 -19.17 5.97
N ARG A 230 29.04 -18.60 7.13
CA ARG A 230 27.91 -19.07 7.93
C ARG A 230 26.66 -19.15 7.06
N LYS A 231 25.93 -20.25 7.19
CA LYS A 231 24.82 -20.58 6.30
C LYS A 231 23.57 -19.80 6.67
N VAL A 232 22.76 -19.48 5.66
CA VAL A 232 21.52 -18.74 5.80
C VAL A 232 20.43 -19.53 5.07
N TYR A 233 19.28 -19.74 5.72
CA TYR A 233 18.13 -20.33 5.04
C TYR A 233 17.40 -19.27 4.24
N ILE A 234 16.97 -19.64 3.05
CA ILE A 234 16.23 -18.72 2.19
C ILE A 234 14.96 -19.41 1.76
N TYR A 235 13.85 -18.68 1.83
CA TYR A 235 12.54 -19.20 1.45
C TYR A 235 11.82 -18.15 0.63
N GLU A 236 11.17 -18.55 -0.45
CA GLU A 236 10.53 -17.62 -1.36
C GLU A 236 9.01 -17.76 -1.26
N PHE A 237 8.33 -16.64 -0.97
CA PHE A 237 6.87 -16.56 -0.87
C PHE A 237 6.30 -15.92 -2.13
N SER A 238 4.96 -15.94 -2.23
CA SER A 238 4.28 -15.41 -3.41
C SER A 238 4.14 -13.90 -3.34
N ARG A 239 4.29 -13.25 -4.49
CA ARG A 239 4.15 -11.79 -4.55
C ARG A 239 2.68 -11.38 -4.38
N LEU A 240 2.45 -10.25 -3.69
CA LEU A 240 1.12 -9.68 -3.54
C LEU A 240 0.98 -8.53 -4.55
N ALA A 241 0.10 -8.71 -5.52
CA ALA A 241 -0.21 -7.66 -6.49
C ALA A 241 -1.70 -7.72 -6.83
N PHE A 242 -2.29 -6.55 -7.09
CA PHE A 242 -3.72 -6.41 -7.29
C PHE A 242 -4.03 -6.03 -8.74
N VAL A 243 -5.26 -6.34 -9.15
CA VAL A 243 -5.72 -5.93 -10.48
C VAL A 243 -5.83 -4.41 -10.54
N LYS A 244 -5.87 -3.90 -11.77
CA LYS A 244 -6.19 -2.48 -12.03
C LYS A 244 -5.27 -1.53 -11.26
N THR A 245 -4.02 -1.93 -11.07
CA THR A 245 -3.11 -1.21 -10.20
C THR A 245 -1.81 -0.99 -10.93
N VAL A 246 -1.47 0.28 -11.15
CA VAL A 246 -0.23 0.62 -11.84
C VAL A 246 0.91 0.56 -10.83
N MET A 247 1.88 -0.31 -11.11
CA MET A 247 3.08 -0.41 -10.31
C MET A 247 4.32 0.13 -11.01
N SER A 248 4.31 0.22 -12.35
CA SER A 248 5.44 0.77 -13.06
C SER A 248 5.68 2.21 -12.59
N LYS A 249 6.88 2.48 -12.08
CA LYS A 249 7.25 3.78 -11.59
C LYS A 249 7.18 4.77 -12.71
N ARG A 250 7.40 4.31 -13.90
CA ARG A 250 7.33 5.22 -15.01
C ARG A 250 5.97 5.78 -15.20
N LYS A 251 4.98 4.90 -15.17
CA LYS A 251 3.60 5.33 -15.36
C LYS A 251 3.06 6.10 -14.16
N LEU A 252 3.50 5.74 -12.94
CA LEU A 252 3.07 6.49 -11.76
C LEU A 252 3.56 7.93 -11.81
N LYS A 253 4.86 8.14 -12.12
CA LYS A 253 5.29 9.52 -12.32
C LYS A 253 4.56 10.17 -13.49
N TRP A 254 4.22 9.40 -14.53
CA TRP A 254 3.44 10.00 -15.62
C TRP A 254 2.14 10.59 -15.09
N PHE A 255 1.45 9.85 -14.21
CA PHE A 255 0.23 10.36 -13.58
C PHE A 255 0.49 11.66 -12.84
N VAL A 256 1.52 11.65 -11.99
CA VAL A 256 1.80 12.85 -11.18
C VAL A 256 2.08 14.05 -12.06
N GLU A 257 2.88 13.88 -13.12
CA GLU A 257 3.30 15.01 -13.95
C GLU A 257 2.21 15.50 -14.90
N ASN A 258 1.24 14.66 -15.24
CA ASN A 258 0.19 15.09 -16.17
C ASN A 258 -1.06 15.52 -15.42
N ASN A 259 -0.98 15.60 -14.08
CA ASN A 259 -2.04 16.08 -13.20
C ASN A 259 -3.27 15.17 -13.22
N VAL A 260 -3.04 13.87 -13.40
CA VAL A 260 -4.13 12.93 -13.12
C VAL A 260 -4.36 12.85 -11.63
N VAL A 261 -3.27 12.75 -10.88
CA VAL A 261 -3.29 12.88 -9.43
C VAL A 261 -2.37 14.05 -9.10
N ASP A 262 -2.42 14.50 -7.85
CA ASP A 262 -1.60 15.64 -7.45
C ASP A 262 -0.31 15.23 -6.74
N SER A 263 -0.27 14.06 -6.09
CA SER A 263 0.92 13.62 -5.36
C SER A 263 0.97 12.09 -5.34
N TRP A 264 2.06 11.58 -4.77
CA TRP A 264 2.22 10.15 -4.53
C TRP A 264 1.40 9.63 -3.35
N VAL A 265 0.74 10.52 -2.61
CA VAL A 265 -0.14 10.12 -1.51
C VAL A 265 -1.60 10.13 -1.93
N ASP A 266 -1.89 10.37 -3.21
CA ASP A 266 -3.26 10.32 -3.70
C ASP A 266 -3.89 8.96 -3.38
N PRO A 267 -5.17 8.92 -2.98
CA PRO A 267 -5.76 7.66 -2.50
C PRO A 267 -5.95 6.59 -3.57
N ARG A 268 -5.70 6.87 -4.85
CA ARG A 268 -5.71 5.83 -5.88
C ARG A 268 -4.33 5.22 -6.12
N PHE A 269 -3.33 5.70 -5.44
CA PHE A 269 -1.99 5.17 -5.67
C PHE A 269 -1.76 3.94 -4.80
N PRO A 270 -0.94 3.00 -5.26
CA PRO A 270 -0.71 1.78 -4.49
C PRO A 270 0.25 1.94 -3.30
N THR A 271 0.77 3.14 -3.06
CA THR A 271 1.64 3.39 -1.92
C THR A 271 0.91 3.07 -0.60
N ILE A 272 1.70 2.73 0.42
CA ILE A 272 1.14 2.46 1.73
C ILE A 272 0.38 3.68 2.25
N LYS A 273 0.94 4.88 2.04
CA LYS A 273 0.29 6.10 2.52
C LYS A 273 -1.05 6.33 1.81
N GLY A 274 -1.05 6.20 0.49
CA GLY A 274 -2.29 6.40 -0.26
C GLY A 274 -3.39 5.47 0.21
N ILE A 275 -3.06 4.19 0.41
CA ILE A 275 -4.10 3.23 0.73
C ILE A 275 -4.53 3.35 2.19
N LEU A 276 -3.64 3.77 3.08
CA LEU A 276 -4.12 4.10 4.42
C LEU A 276 -5.03 5.32 4.37
N ARG A 277 -4.69 6.31 3.53
CA ARG A 277 -5.56 7.47 3.31
C ARG A 277 -6.93 7.05 2.80
N ARG A 278 -6.97 5.99 1.99
CA ARG A 278 -8.22 5.46 1.46
C ARG A 278 -9.06 4.79 2.54
N GLY A 279 -8.50 4.51 3.72
CA GLY A 279 -9.25 3.93 4.82
C GLY A 279 -8.90 2.49 5.19
N LEU A 280 -7.87 1.89 4.58
CA LEU A 280 -7.49 0.53 4.97
C LEU A 280 -6.82 0.53 6.34
N THR A 281 -7.21 -0.42 7.18
CA THR A 281 -6.50 -0.68 8.43
C THR A 281 -5.34 -1.64 8.21
N LYS A 282 -4.28 -1.47 9.00
CA LYS A 282 -3.18 -2.43 8.94
C LYS A 282 -3.65 -3.81 9.35
N GLU A 283 -4.64 -3.88 10.25
CA GLU A 283 -5.17 -5.17 10.68
C GLU A 283 -5.80 -5.92 9.52
N ALA A 284 -6.53 -5.21 8.66
CA ALA A 284 -7.13 -5.83 7.48
C ALA A 284 -6.05 -6.32 6.51
N LEU A 285 -5.04 -5.50 6.24
CA LEU A 285 -3.97 -5.89 5.34
C LEU A 285 -3.31 -7.18 5.81
N PHE A 286 -2.94 -7.22 7.09
CA PHE A 286 -2.25 -8.38 7.61
C PHE A 286 -3.14 -9.61 7.65
N GLN A 287 -4.44 -9.44 7.99
CA GLN A 287 -5.33 -10.60 8.00
C GLN A 287 -5.52 -11.14 6.59
N PHE A 288 -5.61 -10.24 5.60
CA PHE A 288 -5.73 -10.65 4.21
C PHE A 288 -4.50 -11.45 3.79
N ILE A 289 -3.32 -10.99 4.20
CA ILE A 289 -2.06 -11.67 3.85
C ILE A 289 -2.01 -13.06 4.46
N LEU A 290 -2.33 -13.18 5.75
CA LEU A 290 -2.29 -14.49 6.42
C LEU A 290 -3.30 -15.45 5.85
N GLU A 291 -4.42 -14.95 5.32
CA GLU A 291 -5.49 -15.83 4.87
C GLU A 291 -5.48 -16.11 3.36
N GLN A 292 -4.62 -15.44 2.58
CA GLN A 292 -4.76 -15.46 1.12
C GLN A 292 -4.24 -16.74 0.48
N GLY A 293 -3.34 -17.44 1.13
CA GLY A 293 -2.76 -18.63 0.55
C GLY A 293 -1.84 -18.28 -0.60
N PRO A 294 -1.21 -19.29 -1.18
CA PRO A 294 -0.24 -19.04 -2.24
C PRO A 294 -0.97 -18.64 -3.52
N SER A 295 -0.19 -18.09 -4.44
CA SER A 295 -0.70 -17.69 -5.75
C SER A 295 0.35 -18.05 -6.79
N LYS A 296 -0.11 -18.39 -7.98
CA LYS A 296 0.90 -18.78 -8.95
C LYS A 296 1.39 -17.55 -9.72
N ALA A 297 2.41 -17.78 -10.54
CA ALA A 297 3.12 -16.73 -11.29
C ALA A 297 2.20 -15.71 -11.93
N GLY A 298 2.42 -14.44 -11.58
CA GLY A 298 1.74 -13.36 -12.28
C GLY A 298 0.24 -13.26 -12.06
N ASN A 299 -0.29 -13.89 -11.02
CA ASN A 299 -1.70 -13.75 -10.75
C ASN A 299 -1.94 -12.51 -9.89
N LEU A 300 -3.10 -11.89 -10.09
CA LEU A 300 -3.43 -10.61 -9.48
C LEU A 300 -4.67 -10.75 -8.60
N MET A 301 -4.58 -10.30 -7.35
CA MET A 301 -5.71 -10.38 -6.43
C MET A 301 -6.79 -9.35 -6.75
N GLN A 302 -8.03 -9.70 -6.43
CA GLN A 302 -9.12 -8.73 -6.42
C GLN A 302 -9.12 -7.97 -5.10
N TRP A 303 -9.63 -6.73 -5.15
CA TRP A 303 -9.69 -5.86 -4.00
C TRP A 303 -10.85 -6.17 -3.06
N ASP A 304 -11.80 -7.00 -3.49
CA ASP A 304 -13.05 -7.12 -2.78
C ASP A 304 -12.86 -7.77 -1.42
N LYS A 305 -12.08 -8.87 -1.35
CA LYS A 305 -11.95 -9.52 -0.05
C LYS A 305 -11.14 -8.67 0.91
N LEU A 306 -10.19 -7.88 0.40
CA LEU A 306 -9.45 -6.99 1.29
C LEU A 306 -10.38 -5.94 1.89
N TRP A 307 -11.21 -5.28 1.07
CA TRP A 307 -12.10 -4.29 1.66
C TRP A 307 -13.23 -4.93 2.48
N SER A 308 -13.59 -6.19 2.21
CA SER A 308 -14.60 -6.85 3.05
C SER A 308 -14.06 -7.19 4.41
N ILE A 309 -12.83 -7.70 4.47
CA ILE A 309 -12.16 -7.90 5.75
C ILE A 309 -12.06 -6.58 6.51
N ASN A 310 -11.63 -5.53 5.83
CA ASN A 310 -11.54 -4.23 6.48
C ASN A 310 -12.90 -3.78 7.00
N LYS A 311 -13.96 -4.06 6.26
CA LYS A 311 -15.31 -3.70 6.71
C LYS A 311 -15.68 -4.44 7.98
N GLN A 312 -15.48 -5.76 7.98
CA GLN A 312 -15.74 -6.55 9.17
C GLN A 312 -14.96 -6.03 10.36
N ILE A 313 -13.75 -5.55 10.13
CA ILE A 313 -12.94 -5.03 11.23
C ILE A 313 -13.52 -3.72 11.76
N ILE A 314 -13.85 -2.79 10.87
CA ILE A 314 -14.12 -1.43 11.34
C ILE A 314 -15.57 -1.23 11.74
N ASP A 315 -16.51 -1.93 11.09
CA ASP A 315 -17.93 -1.78 11.43
C ASP A 315 -18.24 -1.73 12.91
N PRO A 316 -17.71 -2.60 13.78
CA PRO A 316 -18.15 -2.59 15.18
C PRO A 316 -17.46 -1.56 16.06
N ILE A 317 -16.47 -0.81 15.57
CA ILE A 317 -15.70 0.05 16.46
C ILE A 317 -15.63 1.49 15.97
N ILE A 318 -16.59 1.91 15.12
CA ILE A 318 -16.60 3.27 14.57
C ILE A 318 -17.98 3.91 14.74
N PRO A 319 -18.06 5.22 15.00
CA PRO A 319 -19.37 5.87 15.20
C PRO A 319 -20.15 6.01 13.92
N ARG A 320 -21.46 6.24 14.08
CA ARG A 320 -22.38 6.40 12.97
C ARG A 320 -23.01 7.79 13.04
N TYR A 321 -23.08 8.49 11.90
CA TYR A 321 -23.64 9.84 11.75
C TYR A 321 -24.53 9.86 10.51
N ALA A 322 -25.18 11.00 10.28
CA ALA A 322 -26.07 11.16 9.14
C ALA A 322 -25.60 12.32 8.26
N ALA A 323 -25.92 12.23 6.97
CA ALA A 323 -25.55 13.25 6.01
C ALA A 323 -26.55 13.23 4.85
N VAL A 324 -26.83 14.43 4.32
CA VAL A 324 -27.73 14.59 3.19
C VAL A 324 -27.06 15.47 2.14
N ASP A 325 -27.48 15.27 0.88
CA ASP A 325 -27.00 16.09 -0.22
C ASP A 325 -27.29 17.55 0.05
N LYS A 326 -26.26 18.39 -0.02
CA LYS A 326 -26.42 19.77 0.41
C LYS A 326 -27.31 20.56 -0.54
N ASN A 327 -27.11 20.41 -1.84
CA ASN A 327 -27.82 21.25 -2.80
C ASN A 327 -29.24 20.76 -3.09
N SER A 328 -29.46 19.45 -3.09
CA SER A 328 -30.75 18.88 -3.46
C SER A 328 -31.53 18.29 -2.27
N SER A 329 -31.12 18.59 -1.04
CA SER A 329 -31.91 18.15 0.11
C SER A 329 -33.24 18.88 0.09
N ILE A 330 -34.27 18.21 0.64
CA ILE A 330 -35.65 18.68 0.64
C ILE A 330 -36.10 18.97 2.06
N LEU A 331 -36.75 20.13 2.25
CA LEU A 331 -37.25 20.53 3.56
C LEU A 331 -38.52 19.77 3.92
N LEU A 332 -38.51 19.14 5.09
CA LEU A 332 -39.65 18.42 5.64
C LEU A 332 -40.10 19.10 6.92
N ILE A 333 -41.40 19.38 7.02
CA ILE A 333 -41.98 20.09 8.16
C ILE A 333 -42.97 19.18 8.87
N LEU A 334 -42.78 18.99 10.17
CA LEU A 334 -43.75 18.31 11.02
C LEU A 334 -44.67 19.39 11.64
N THR A 335 -45.85 19.60 11.05
CA THR A 335 -46.65 20.79 11.34
C THR A 335 -47.27 20.79 12.73
N ASP A 336 -47.19 19.67 13.46
CA ASP A 336 -47.71 19.63 14.82
C ASP A 336 -46.68 20.07 15.86
N LEU A 337 -45.41 20.21 15.49
CA LEU A 337 -44.39 20.55 16.48
C LEU A 337 -44.03 22.03 16.43
N THR A 338 -43.34 22.46 17.47
CA THR A 338 -42.81 23.80 17.65
C THR A 338 -41.42 23.92 17.02
N ASP A 339 -40.93 25.15 16.90
CA ASP A 339 -39.58 25.33 16.42
C ASP A 339 -38.56 25.27 17.55
N GLN A 340 -39.01 25.05 18.79
CA GLN A 340 -38.07 24.86 19.89
C GLN A 340 -37.18 23.67 19.61
N VAL A 341 -35.88 23.87 19.77
CA VAL A 341 -34.89 22.84 19.48
C VAL A 341 -34.79 21.92 20.68
N ILE A 342 -35.03 20.64 20.44
CA ILE A 342 -34.93 19.59 21.44
C ILE A 342 -33.62 18.85 21.24
N GLN A 343 -32.95 18.50 22.34
CA GLN A 343 -31.64 17.84 22.30
C GLN A 343 -31.70 16.58 23.15
N LYS A 344 -31.39 15.42 22.54
CA LYS A 344 -31.47 14.12 23.21
C LYS A 344 -30.19 13.32 23.00
N GLU A 345 -29.74 12.65 24.06
CA GLU A 345 -28.53 11.82 24.02
C GLU A 345 -28.82 10.50 23.30
N ARG A 346 -27.87 10.08 22.44
CA ARG A 346 -27.93 8.80 21.77
C ARG A 346 -26.55 8.15 21.84
N ASP A 347 -26.50 6.85 21.57
CA ASP A 347 -25.22 6.19 21.52
C ASP A 347 -24.58 6.42 20.16
N LEU A 348 -23.28 6.62 20.14
CA LEU A 348 -22.59 6.74 18.86
C LEU A 348 -22.70 5.44 18.08
N HIS A 349 -22.89 4.32 18.77
CA HIS A 349 -23.01 3.01 18.14
C HIS A 349 -24.08 2.25 18.90
N MET A 350 -25.11 1.79 18.19
CA MET A 350 -26.24 1.14 18.83
C MET A 350 -25.88 -0.21 19.44
N LYS A 351 -24.69 -0.74 19.18
CA LYS A 351 -24.26 -2.03 19.68
C LYS A 351 -22.88 -1.97 20.32
N ASN A 352 -22.45 -0.78 20.74
CA ASN A 352 -21.10 -0.61 21.26
C ASN A 352 -21.07 0.66 22.10
N LYS A 353 -21.82 0.66 23.21
CA LYS A 353 -21.90 1.79 24.11
C LYS A 353 -20.51 2.28 24.54
N SER A 354 -19.47 1.48 24.27
CA SER A 354 -18.12 1.84 24.67
C SER A 354 -17.66 3.12 23.98
N LEU A 355 -18.01 3.29 22.70
CA LEU A 355 -17.58 4.50 21.99
C LEU A 355 -18.35 5.73 22.42
N GLY A 356 -19.38 5.57 23.26
CA GLY A 356 -19.95 6.70 23.96
C GLY A 356 -21.21 7.26 23.33
N THR A 357 -21.47 8.54 23.64
CA THR A 357 -22.71 9.21 23.32
C THR A 357 -22.46 10.42 22.42
N CYS A 358 -23.54 10.80 21.72
CA CYS A 358 -23.62 12.03 20.94
C CYS A 358 -24.94 12.72 21.26
N ASN A 359 -25.03 13.99 20.84
CA ASN A 359 -26.23 14.81 21.00
C ASN A 359 -27.00 14.91 19.69
N MET A 360 -28.29 14.62 19.75
CA MET A 360 -29.18 14.69 18.59
C MET A 360 -30.13 15.88 18.76
N TYR A 361 -30.11 16.80 17.79
CA TYR A 361 -30.95 17.99 17.79
C TYR A 361 -32.09 17.81 16.81
N TYR A 362 -33.29 18.27 17.19
CA TYR A 362 -34.41 18.22 16.25
C TYR A 362 -35.45 19.27 16.60
N ASN A 363 -36.36 19.47 15.67
CA ASN A 363 -37.08 20.71 15.43
C ASN A 363 -38.48 20.35 14.98
N ASN A 364 -39.17 21.33 14.41
CA ASN A 364 -40.23 21.08 13.46
C ASN A 364 -39.71 20.90 12.03
N LYS A 365 -38.46 21.31 11.75
CA LYS A 365 -37.96 21.35 10.37
C LYS A 365 -36.75 20.44 10.20
N TYR A 366 -36.74 19.73 9.05
CA TYR A 366 -35.81 18.66 8.76
C TYR A 366 -35.37 18.76 7.31
N LEU A 367 -34.25 18.10 7.00
CA LEU A 367 -33.82 17.91 5.62
C LEU A 367 -33.70 16.42 5.33
N ILE A 368 -34.22 16.01 4.17
CA ILE A 368 -34.11 14.61 3.76
C ILE A 368 -33.64 14.53 2.32
N GLU A 369 -33.23 13.33 1.93
CA GLU A 369 -32.73 13.08 0.58
C GLU A 369 -33.86 13.19 -0.44
N LEU A 370 -33.55 13.83 -1.57
CA LEU A 370 -34.51 13.97 -2.67
C LEU A 370 -35.04 12.62 -3.14
N GLU A 371 -34.17 11.63 -3.30
CA GLU A 371 -34.66 10.33 -3.75
C GLU A 371 -35.51 9.66 -2.69
N ASP A 372 -35.39 10.08 -1.44
CA ASP A 372 -36.32 9.61 -0.41
C ASP A 372 -37.64 10.35 -0.50
N ALA A 373 -37.59 11.66 -0.72
CA ALA A 373 -38.80 12.46 -0.88
C ALA A 373 -39.65 12.00 -2.05
N GLN A 374 -39.01 11.53 -3.13
CA GLN A 374 -39.74 11.17 -4.33
C GLN A 374 -40.56 9.89 -4.15
N THR A 375 -40.15 9.02 -3.23
CA THR A 375 -40.91 7.81 -2.93
C THR A 375 -42.05 8.05 -1.95
N LEU A 376 -42.05 9.19 -1.25
CA LEU A 376 -43.10 9.45 -0.27
C LEU A 376 -44.38 9.85 -0.96
N LEU A 377 -45.50 9.35 -0.45
CA LEU A 377 -46.82 9.83 -0.84
C LEU A 377 -47.72 9.87 0.39
N GLU A 378 -48.89 10.48 0.19
CA GLU A 378 -49.65 11.07 1.29
C GLU A 378 -50.21 10.00 2.24
N ASN A 379 -50.23 10.33 3.53
CA ASN A 379 -50.63 9.44 4.61
C ASN A 379 -49.85 8.13 4.56
N GLU A 380 -48.53 8.26 4.42
CA GLU A 380 -47.60 7.14 4.50
C GLU A 380 -46.87 7.23 5.84
N GLU A 381 -46.84 6.13 6.59
CA GLU A 381 -46.14 6.09 7.87
C GLU A 381 -44.71 5.57 7.69
N ILE A 382 -43.74 6.47 7.84
CA ILE A 382 -42.33 6.09 7.73
C ILE A 382 -41.65 6.33 9.07
N THR A 383 -40.36 6.03 9.16
CA THR A 383 -39.59 6.19 10.40
C THR A 383 -38.41 7.10 10.13
N LEU A 384 -38.32 8.22 10.84
CA LEU A 384 -37.08 8.96 10.94
C LEU A 384 -36.15 8.21 11.89
N ILE A 385 -35.08 7.62 11.35
CA ILE A 385 -34.22 6.76 12.13
C ILE A 385 -33.68 7.48 13.35
N LYS A 386 -33.61 6.76 14.48
CA LYS A 386 -33.16 7.27 15.78
C LYS A 386 -34.13 8.28 16.37
N LEU A 387 -35.21 8.61 15.66
CA LEU A 387 -36.18 9.57 16.19
C LEU A 387 -37.57 8.97 16.39
N GLY A 388 -38.25 8.55 15.33
CA GLY A 388 -39.57 7.97 15.48
C GLY A 388 -40.35 8.05 14.19
N ASN A 389 -41.51 7.40 14.21
CA ASN A 389 -42.41 7.39 13.06
C ASN A 389 -42.99 8.78 12.79
N ILE A 390 -43.25 9.04 11.50
CA ILE A 390 -44.02 10.19 11.05
C ILE A 390 -45.01 9.72 10.00
N ILE A 391 -46.01 10.55 9.76
CA ILE A 391 -47.01 10.33 8.72
C ILE A 391 -46.94 11.51 7.76
N ILE A 392 -46.62 11.23 6.50
CA ILE A 392 -46.57 12.30 5.49
C ILE A 392 -47.99 12.78 5.21
N LYS A 393 -48.12 14.08 5.07
CA LYS A 393 -49.38 14.66 4.76
C LYS A 393 -49.39 15.08 3.34
N ASN A 394 -48.74 16.18 2.98
CA ASN A 394 -48.81 16.58 1.58
C ASN A 394 -47.45 16.96 0.99
N ILE A 395 -47.21 16.47 -0.22
CA ILE A 395 -46.00 16.76 -1.01
C ILE A 395 -46.26 18.05 -1.80
N GLU A 396 -45.60 19.13 -1.41
CA GLU A 396 -45.72 20.43 -2.08
C GLU A 396 -44.66 20.50 -3.18
N LYS A 397 -45.08 20.16 -4.41
CA LYS A 397 -44.25 20.23 -5.60
C LYS A 397 -44.61 21.48 -6.39
N GLU A 398 -43.59 22.23 -6.80
CA GLU A 398 -43.76 23.45 -7.59
C GLU A 398 -43.00 23.25 -8.91
N ASN A 399 -43.76 23.17 -10.01
CA ASN A 399 -43.25 22.89 -11.36
C ASN A 399 -42.35 21.66 -11.41
N GLY A 400 -42.86 20.56 -10.87
CA GLY A 400 -42.13 19.29 -10.89
C GLY A 400 -41.09 19.12 -9.80
N LYS A 401 -40.23 20.12 -9.60
CA LYS A 401 -39.25 20.08 -8.52
C LYS A 401 -39.98 20.13 -7.18
N ILE A 402 -39.91 19.02 -6.42
CA ILE A 402 -40.48 19.04 -5.08
C ILE A 402 -39.83 20.15 -4.28
N LYS A 403 -40.64 20.96 -3.61
CA LYS A 403 -40.16 22.08 -2.83
C LYS A 403 -40.33 21.88 -1.33
N GLN A 404 -41.32 21.09 -0.90
CA GLN A 404 -41.56 20.92 0.52
C GLN A 404 -42.33 19.62 0.75
N ILE A 405 -42.21 19.10 1.94
CA ILE A 405 -43.08 18.02 2.40
C ILE A 405 -43.59 18.39 3.78
N ASN A 406 -44.91 18.38 3.94
CA ASN A 406 -45.53 18.57 5.24
C ASN A 406 -45.99 17.21 5.76
N ALA A 407 -45.71 16.97 7.06
CA ALA A 407 -45.99 15.71 7.73
C ALA A 407 -46.41 16.02 9.16
N LEU A 408 -46.63 14.98 9.91
CA LEU A 408 -46.97 15.12 11.29
C LEU A 408 -46.27 14.12 12.17
N SER A 409 -45.69 14.56 13.25
CA SER A 409 -45.08 13.69 14.25
C SER A 409 -46.04 12.59 14.70
N ASN A 410 -45.56 11.36 14.73
CA ASN A 410 -46.24 10.23 15.35
C ASN A 410 -45.17 9.35 16.01
N PHE A 411 -44.37 9.95 16.88
CA PHE A 411 -43.12 9.32 17.31
C PHE A 411 -43.37 8.09 18.17
N HIS A 412 -44.50 8.06 18.85
CA HIS A 412 -44.85 6.95 19.72
C HIS A 412 -45.57 5.83 18.99
N GLY A 413 -45.59 5.87 17.66
CA GLY A 413 -46.03 4.72 16.89
C GLY A 413 -44.99 3.62 16.92
N ASP A 414 -45.38 2.46 16.39
CA ASP A 414 -44.55 1.27 16.44
C ASP A 414 -43.59 1.27 15.26
N PHE A 415 -42.31 1.40 15.54
CA PHE A 415 -41.28 1.54 14.52
C PHE A 415 -41.11 0.26 13.70
N LYS A 416 -41.84 -0.82 14.05
CA LYS A 416 -41.80 -2.05 13.27
C LYS A 416 -42.86 -2.07 12.16
N THR A 417 -44.03 -1.48 12.40
CA THR A 417 -45.10 -1.38 11.42
C THR A 417 -44.60 -0.91 10.06
N THR A 418 -43.65 0.01 10.08
CA THR A 418 -43.20 0.71 8.89
C THR A 418 -42.12 -0.08 8.16
N LYS A 419 -42.01 0.19 6.86
CA LYS A 419 -41.02 -0.45 6.00
C LYS A 419 -40.05 0.54 5.37
N LYS A 420 -40.35 1.84 5.43
CA LYS A 420 -39.45 2.90 4.96
C LYS A 420 -38.83 3.55 6.21
N LYS A 421 -37.54 3.32 6.40
CA LYS A 421 -36.76 3.94 7.47
C LYS A 421 -35.69 4.81 6.82
N ILE A 422 -35.74 6.12 7.09
CA ILE A 422 -34.88 7.07 6.39
C ILE A 422 -34.11 7.96 7.36
N HIS A 423 -32.94 8.41 6.91
CA HIS A 423 -32.12 9.31 7.68
C HIS A 423 -32.47 10.76 7.37
N TRP A 424 -32.03 11.66 8.25
CA TRP A 424 -32.50 13.04 8.22
C TRP A 424 -31.47 13.89 8.94
N LEU A 425 -31.52 15.19 8.66
CA LEU A 425 -30.81 16.19 9.43
C LEU A 425 -31.79 17.23 9.94
N PRO A 426 -31.61 17.74 11.15
CA PRO A 426 -32.42 18.89 11.59
C PRO A 426 -32.06 20.10 10.75
N TYR A 427 -33.07 20.86 10.37
CA TYR A 427 -32.84 22.05 9.58
C TYR A 427 -32.31 23.15 10.49
N LEU A 428 -31.02 23.06 10.83
CA LEU A 428 -30.35 24.07 11.65
C LEU A 428 -29.08 24.51 10.92
N PRO A 429 -29.24 25.26 9.83
CA PRO A 429 -28.12 25.50 8.91
C PRO A 429 -26.91 26.10 9.58
N GLN A 430 -27.09 26.91 10.61
CA GLN A 430 -25.94 27.46 11.30
C GLN A 430 -25.21 26.44 12.15
N GLN A 431 -25.72 25.21 12.28
CA GLN A 431 -25.01 24.16 13.01
C GLN A 431 -24.62 22.97 12.15
N LEU A 432 -25.23 22.79 10.99
CA LEU A 432 -24.87 21.66 10.15
C LEU A 432 -23.44 21.83 9.62
N ILE A 433 -22.74 20.70 9.49
CA ILE A 433 -21.35 20.68 9.03
C ILE A 433 -21.35 20.45 7.53
N THR A 434 -20.74 21.36 6.76
CA THR A 434 -20.56 21.16 5.34
C THR A 434 -19.34 20.28 5.07
N CYS A 435 -19.51 19.29 4.18
CA CYS A 435 -18.46 18.32 3.88
C CYS A 435 -18.39 18.11 2.37
N THR A 436 -17.17 17.87 1.88
CA THR A 436 -16.95 17.32 0.55
C THR A 436 -16.64 15.84 0.69
N LEU A 437 -17.32 15.04 -0.14
CA LEU A 437 -17.22 13.58 -0.18
C LEU A 437 -16.45 13.19 -1.44
N TYR A 438 -15.37 12.41 -1.26
CA TYR A 438 -14.54 11.93 -2.36
C TYR A 438 -14.74 10.42 -2.51
N GLU A 439 -15.28 10.02 -3.64
CA GLU A 439 -15.46 8.61 -3.98
C GLU A 439 -14.48 8.33 -5.10
N TYR A 440 -13.49 7.49 -4.82
CA TYR A 440 -12.43 7.25 -5.78
C TYR A 440 -12.69 5.97 -6.56
N ASP A 441 -12.01 5.86 -7.68
CA ASP A 441 -12.06 4.69 -8.52
C ASP A 441 -10.65 4.41 -9.02
N HIS A 442 -10.47 3.25 -9.63
CA HIS A 442 -9.16 2.82 -10.08
C HIS A 442 -8.67 3.69 -11.22
N LEU A 443 -7.35 3.90 -11.24
CA LEU A 443 -6.75 4.75 -12.26
C LEU A 443 -6.75 4.10 -13.64
N ILE A 444 -6.75 2.76 -13.73
CA ILE A 444 -6.87 2.11 -15.04
C ILE A 444 -8.08 1.19 -15.05
N THR A 445 -8.53 0.88 -16.27
CA THR A 445 -9.76 0.14 -16.51
C THR A 445 -9.52 -1.34 -16.79
N VAL A 446 -8.27 -1.74 -17.06
CA VAL A 446 -7.91 -3.13 -17.32
C VAL A 446 -7.18 -3.70 -16.13
N ASP A 447 -7.32 -5.02 -15.92
CA ASP A 447 -6.67 -5.68 -14.79
C ASP A 447 -5.15 -5.63 -14.93
N LYS A 448 -4.65 -5.69 -16.16
CA LYS A 448 -3.22 -5.65 -16.44
C LYS A 448 -3.02 -5.13 -17.86
N PHE A 449 -1.80 -4.67 -18.14
CA PHE A 449 -1.42 -4.28 -19.50
C PHE A 449 -0.76 -5.42 -20.24
N ASP A 456 0.45 3.34 -25.71
CA ASP A 456 -0.99 3.27 -25.97
C ASP A 456 -1.75 3.07 -24.67
N TRP A 457 -1.01 2.76 -23.59
CA TRP A 457 -1.65 2.45 -22.32
C TRP A 457 -2.52 3.59 -21.81
N THR A 458 -2.20 4.84 -22.21
CA THR A 458 -3.02 6.00 -21.88
C THR A 458 -4.48 5.81 -22.27
N ASN A 459 -4.77 4.84 -23.14
CA ASN A 459 -6.13 4.59 -23.59
C ASN A 459 -7.00 3.93 -22.54
N PHE A 460 -6.39 3.40 -21.47
CA PHE A 460 -7.14 2.72 -20.41
C PHE A 460 -7.00 3.43 -19.07
N ILE A 461 -6.63 4.71 -19.08
CA ILE A 461 -6.63 5.53 -17.88
C ILE A 461 -8.03 6.07 -17.62
N ASN A 462 -8.51 5.90 -16.41
CA ASN A 462 -9.77 6.51 -16.00
C ASN A 462 -9.40 7.89 -15.45
N PHE A 463 -9.47 8.89 -16.32
CA PHE A 463 -9.24 10.27 -15.92
C PHE A 463 -10.37 10.78 -15.03
N ASN A 464 -11.51 10.13 -15.06
CA ASN A 464 -12.68 10.56 -14.30
C ASN A 464 -12.89 9.70 -13.07
N SER A 465 -11.86 9.60 -12.24
CA SER A 465 -11.84 8.62 -11.15
C SER A 465 -11.85 9.25 -9.75
N LYS A 466 -12.12 10.56 -9.65
CA LYS A 466 -12.26 11.27 -8.37
C LYS A 466 -13.61 11.97 -8.44
N HIS A 467 -14.62 11.43 -7.75
CA HIS A 467 -15.96 12.01 -7.75
C HIS A 467 -16.17 12.78 -6.44
N GLU A 468 -16.46 14.07 -6.55
CA GLU A 468 -16.69 14.91 -5.39
C GLU A 468 -18.17 15.26 -5.34
N THR A 469 -18.73 15.23 -4.13
CA THR A 469 -20.09 15.72 -3.89
C THR A 469 -20.13 16.48 -2.56
N LEU A 470 -21.09 17.40 -2.43
CA LEU A 470 -21.18 18.27 -1.27
C LEU A 470 -22.40 17.89 -0.44
N VAL A 471 -22.20 17.76 0.88
CA VAL A 471 -23.26 17.30 1.76
C VAL A 471 -23.26 18.17 3.02
N TYR A 472 -24.36 17.97 3.76
CA TYR A 472 -24.63 18.56 5.05
C TYR A 472 -24.54 17.38 6.00
N ALA A 473 -23.90 17.55 7.15
CA ALA A 473 -23.80 16.50 8.06
C ALA A 473 -24.20 17.00 9.42
N GLU A 474 -24.56 16.11 10.29
CA GLU A 474 -25.05 16.46 11.59
C GLU A 474 -23.98 17.10 12.42
N PRO A 475 -24.43 17.95 13.32
CA PRO A 475 -23.52 18.78 14.06
C PRO A 475 -22.50 18.06 14.87
N SER A 476 -22.91 16.98 15.42
CA SER A 476 -22.07 16.18 16.25
C SER A 476 -20.80 15.79 15.57
N ILE A 477 -20.81 15.63 14.29
CA ILE A 477 -19.60 15.21 13.57
C ILE A 477 -18.46 16.20 13.75
N SER A 478 -18.72 17.38 14.32
CA SER A 478 -17.65 18.32 14.65
C SER A 478 -16.59 17.68 15.54
N SER A 479 -16.95 16.68 16.36
CA SER A 479 -15.98 16.13 17.29
C SER A 479 -14.95 15.22 16.64
N LEU A 480 -15.13 14.85 15.38
CA LEU A 480 -14.19 13.92 14.77
C LEU A 480 -12.88 14.61 14.50
N LYS A 481 -11.80 13.87 14.70
CA LYS A 481 -10.47 14.37 14.39
C LYS A 481 -9.97 13.71 13.13
N VAL A 482 -8.97 14.34 12.51
CA VAL A 482 -8.42 13.84 11.27
C VAL A 482 -7.99 12.38 11.41
N SER A 483 -8.31 11.58 10.39
CA SER A 483 -8.15 10.14 10.23
C SER A 483 -9.13 9.30 11.04
N ASP A 484 -10.11 9.91 11.73
CA ASP A 484 -11.19 9.12 12.29
C ASP A 484 -11.99 8.48 11.16
N LYS A 485 -12.39 7.22 11.36
CA LYS A 485 -13.26 6.47 10.47
C LYS A 485 -14.67 6.40 11.07
N PHE A 486 -15.68 6.32 10.21
CA PHE A 486 -17.07 6.35 10.68
C PHE A 486 -18.00 5.87 9.56
N GLN A 487 -19.27 5.76 9.90
CA GLN A 487 -20.30 5.39 8.95
C GLN A 487 -21.29 6.54 8.79
N PHE A 488 -21.68 6.81 7.55
CA PHE A 488 -22.82 7.66 7.23
C PHE A 488 -24.00 6.74 6.95
N GLU A 489 -25.09 6.98 7.68
CA GLU A 489 -26.29 6.16 7.57
C GLU A 489 -26.74 6.04 6.13
N ARG A 490 -26.86 4.80 5.67
CA ARG A 490 -27.40 4.49 4.35
C ARG A 490 -26.54 5.08 3.23
N ARG A 491 -25.29 5.41 3.53
CA ARG A 491 -24.35 5.97 2.55
C ARG A 491 -23.06 5.16 2.47
N GLY A 492 -22.44 4.87 3.60
CA GLY A 492 -21.28 4.00 3.57
C GLY A 492 -20.26 4.38 4.62
N TYR A 493 -19.05 3.89 4.44
CA TYR A 493 -17.96 4.09 5.37
C TYR A 493 -17.06 5.20 4.87
N PHE A 494 -16.52 6.01 5.78
CA PHE A 494 -15.75 7.16 5.38
C PHE A 494 -14.64 7.36 6.38
N ILE A 495 -13.62 8.10 5.94
CA ILE A 495 -12.52 8.50 6.80
C ILE A 495 -12.35 10.00 6.65
N LEU A 496 -12.11 10.69 7.77
CA LEU A 496 -11.90 12.13 7.76
C LEU A 496 -10.47 12.42 7.33
N ASP A 497 -10.30 13.00 6.14
CA ASP A 497 -9.00 13.25 5.56
C ASP A 497 -8.42 14.61 5.93
N LYS A 498 -9.25 15.65 5.95
CA LYS A 498 -8.76 17.00 6.17
C LYS A 498 -9.87 17.87 6.76
N ILE A 499 -9.50 18.79 7.65
CA ILE A 499 -10.44 19.79 8.17
C ILE A 499 -10.02 21.14 7.60
N ASP A 500 -10.82 21.67 6.68
CA ASP A 500 -10.53 22.94 6.04
C ASP A 500 -10.98 24.09 6.93
N PRO A 501 -10.62 25.33 6.56
CA PRO A 501 -11.17 26.48 7.25
C PRO A 501 -12.70 26.46 7.31
N HIS A 502 -13.24 26.99 8.41
CA HIS A 502 -14.67 27.00 8.74
C HIS A 502 -15.22 25.61 9.01
N HIS A 503 -14.36 24.73 9.56
CA HIS A 503 -14.68 23.33 9.81
C HIS A 503 -15.39 22.68 8.63
N HIS A 504 -14.91 22.92 7.41
CA HIS A 504 -15.37 22.18 6.24
C HIS A 504 -14.62 20.86 6.19
N LEU A 505 -15.34 19.74 6.24
CA LEU A 505 -14.69 18.43 6.33
C LEU A 505 -14.48 17.83 4.94
N HIS A 506 -13.37 17.11 4.76
CA HIS A 506 -13.08 16.41 3.53
C HIS A 506 -13.02 14.93 3.85
N LEU A 507 -13.93 14.16 3.26
CA LEU A 507 -14.19 12.80 3.70
C LEU A 507 -14.01 11.86 2.52
N ILE A 508 -13.23 10.81 2.72
CA ILE A 508 -12.95 9.85 1.66
C ILE A 508 -13.82 8.62 1.90
N LYS A 509 -14.59 8.23 0.90
CA LYS A 509 -15.39 7.03 1.01
C LYS A 509 -14.47 5.82 1.01
N ILE A 510 -14.65 4.93 1.97
CA ILE A 510 -13.87 3.71 2.08
C ILE A 510 -14.57 2.64 1.23
N PRO A 511 -13.87 1.99 0.30
CA PRO A 511 -14.49 0.86 -0.40
C PRO A 511 -14.90 -0.21 0.61
N ASP A 512 -16.05 -0.82 0.38
CA ASP A 512 -16.56 -1.82 1.31
C ASP A 512 -16.61 -3.25 0.77
N GLY A 513 -16.21 -3.49 -0.47
CA GLY A 513 -16.35 -4.83 -1.08
C GLY A 513 -17.79 -5.34 -1.22
CL CL B . -4.65 15.24 -2.71
CL CL C . 3.56 -18.53 -0.28
CL CL D . 2.71 -1.34 -14.53
CL CL E . -33.13 1.39 1.99
CL CL F . 23.23 -10.46 -17.05
#